data_6KLA
#
_entry.id   6KLA
#
_cell.length_a   63.205
_cell.length_b   63.205
_cell.length_c   196.142
_cell.angle_alpha   90.000
_cell.angle_beta   90.000
_cell.angle_gamma   90.000
#
_symmetry.space_group_name_H-M   'P 43 21 2'
#
loop_
_entity.id
_entity.type
_entity.pdbx_description
1 polymer 'Mast/stem cell growth factor receptor Kit'
2 non-polymer N-[6-(4-ethylpiperazin-1-yl)-2-methyl-pyrimidin-4-yl]-5-pyridin-4-yl-1,3-thiazol-2-amine
3 water water
#
_entity_poly.entity_id   1
_entity_poly.type   'polypeptide(L)'
_entity_poly.pdbx_seq_one_letter_code
;YLQKPMYEVQWKVVEEINGNNYVYIDPTQLPYDHKWEFPRNRLSFGKTLGAGAFGKVVEATAYGLIKSDAAMTVAVKMLK
PSAHLTEREALMSELKVLSYLGNHMNIVNLLGACTIGGPTLVITEYCCYGDLLNFLRRKRDSFICSKTSPAIMEDDELAL
DLEDLLSFSYQVAKGMAFLASKNCIHRDLAARNILLTHGRITKICDFGLARDIKNDSNYVVKGNARLPVKWMAPESIFNC
VYTFESDVWSYGIFLWELFSLGSSPYPGMPVDSKFYKMIKEGFRMLSPEHAPAEMYDIMKTCWDADPLKRPTFKQIVQLI
EKQISESTNHI
;
_entity_poly.pdbx_strand_id   A
#
loop_
_chem_comp.id
_chem_comp.type
_chem_comp.name
_chem_comp.formula
DJX non-polymer N-[6-(4-ethylpiperazin-1-yl)-2-methyl-pyrimidin-4-yl]-5-pyridin-4-yl-1,3-thiazol-2-amine 'C19 H23 N7 S'
#
# COMPACT_ATOMS: atom_id res chain seq x y z
N GLU A 8 8.38 9.82 9.97
CA GLU A 8 7.55 8.69 10.39
C GLU A 8 7.58 7.55 9.38
N VAL A 9 8.38 6.51 9.67
CA VAL A 9 8.44 5.34 8.82
C VAL A 9 7.06 4.67 8.82
N GLN A 10 6.54 4.40 7.62
CA GLN A 10 5.18 3.88 7.52
C GLN A 10 5.13 2.37 7.71
N TRP A 11 5.87 1.62 6.89
CA TRP A 11 5.93 0.17 7.05
C TRP A 11 6.73 -0.16 8.31
N LYS A 12 6.09 -0.79 9.28
CA LYS A 12 6.77 -1.22 10.48
C LYS A 12 7.10 -2.70 10.37
N VAL A 13 8.18 -3.10 11.03
CA VAL A 13 8.59 -4.50 11.09
C VAL A 13 8.60 -4.92 12.56
N VAL A 14 7.84 -5.96 12.87
CA VAL A 14 7.70 -6.49 14.23
C VAL A 14 8.79 -7.54 14.46
N GLU A 15 9.27 -7.66 15.69
CA GLU A 15 10.15 -8.77 16.02
C GLU A 15 9.54 -9.75 17.02
N GLU A 16 8.73 -9.28 17.96
CA GLU A 16 8.14 -10.17 18.94
C GLU A 16 6.72 -9.75 19.27
N ILE A 17 5.90 -10.75 19.59
CA ILE A 17 4.55 -10.56 20.12
C ILE A 17 4.59 -11.10 21.55
N ASN A 18 4.79 -10.20 22.52
CA ASN A 18 4.88 -10.58 23.92
C ASN A 18 3.50 -10.48 24.57
N GLY A 19 2.63 -11.39 24.15
CA GLY A 19 1.26 -11.38 24.63
C GLY A 19 0.57 -10.06 24.35
N ASN A 20 0.13 -9.88 23.10
CA ASN A 20 -0.63 -8.69 22.69
C ASN A 20 0.12 -7.39 22.98
N ASN A 21 1.41 -7.36 22.63
CA ASN A 21 2.15 -6.11 22.61
C ASN A 21 3.34 -6.34 21.68
N TYR A 22 3.49 -5.50 20.65
CA TYR A 22 4.47 -5.74 19.61
C TYR A 22 5.81 -5.12 20.00
N VAL A 23 6.89 -5.83 19.70
CA VAL A 23 8.24 -5.27 19.77
C VAL A 23 8.67 -4.98 18.33
N TYR A 24 8.68 -3.71 17.97
CA TYR A 24 9.09 -3.29 16.63
C TYR A 24 10.61 -3.28 16.53
N ILE A 25 11.11 -3.56 15.32
CA ILE A 25 12.55 -3.41 15.09
C ILE A 25 12.84 -1.97 14.70
N ASP A 26 13.88 -1.40 15.28
CA ASP A 26 14.38 -0.09 14.90
C ASP A 26 14.89 -0.18 13.47
N PRO A 27 14.25 0.47 12.49
CA PRO A 27 14.76 0.35 11.12
C PRO A 27 16.15 0.93 10.97
N THR A 28 16.53 1.93 11.77
CA THR A 28 17.89 2.44 11.67
C THR A 28 18.92 1.40 12.03
N GLN A 29 18.52 0.25 12.59
CA GLN A 29 19.44 -0.82 12.93
C GLN A 29 19.41 -1.97 11.94
N LEU A 30 18.60 -1.87 10.89
CA LEU A 30 18.68 -2.83 9.80
C LEU A 30 19.90 -2.53 8.94
N PRO A 31 20.52 -3.56 8.38
CA PRO A 31 21.66 -3.33 7.48
C PRO A 31 21.24 -2.75 6.14
N TYR A 32 22.17 -2.03 5.54
CA TYR A 32 22.10 -1.69 4.13
C TYR A 32 23.24 -2.43 3.43
N ASP A 33 22.89 -3.27 2.46
CA ASP A 33 23.91 -4.02 1.72
C ASP A 33 24.33 -3.21 0.51
N HIS A 34 25.65 -3.02 0.35
CA HIS A 34 26.14 -2.18 -0.72
C HIS A 34 25.97 -2.80 -2.09
N LYS A 35 25.49 -4.05 -2.17
CA LYS A 35 25.09 -4.62 -3.44
C LYS A 35 24.05 -3.76 -4.16
N TRP A 36 23.29 -2.94 -3.44
CA TRP A 36 22.29 -2.09 -4.05
C TRP A 36 22.89 -0.80 -4.62
N GLU A 37 24.11 -0.47 -4.27
CA GLU A 37 24.67 0.83 -4.62
C GLU A 37 24.74 0.99 -6.13
N PHE A 38 24.30 2.15 -6.61
CA PHE A 38 24.23 2.44 -8.03
C PHE A 38 24.71 3.87 -8.24
N PRO A 39 25.52 4.13 -9.27
CA PRO A 39 26.03 5.50 -9.46
C PRO A 39 24.92 6.44 -9.93
N ARG A 40 24.77 7.56 -9.21
CA ARG A 40 23.70 8.51 -9.53
C ARG A 40 23.90 9.18 -10.89
N ASN A 41 25.13 9.23 -11.41
CA ASN A 41 25.29 9.79 -12.74
C ASN A 41 24.83 8.84 -13.85
N ARG A 42 24.27 7.68 -13.50
CA ARG A 42 23.69 6.83 -14.52
C ARG A 42 22.16 6.82 -14.45
N LEU A 43 21.60 7.80 -13.74
CA LEU A 43 20.17 8.06 -13.73
C LEU A 43 19.90 9.33 -14.53
N SER A 44 18.92 9.25 -15.41
CA SER A 44 18.44 10.42 -16.15
C SER A 44 17.00 10.65 -15.70
N PHE A 45 16.76 11.79 -15.07
CA PHE A 45 15.50 12.03 -14.38
C PHE A 45 14.45 12.58 -15.33
N GLY A 46 13.22 12.10 -15.19
CA GLY A 46 12.13 12.57 -16.03
C GLY A 46 11.04 13.29 -15.26
N LYS A 47 9.79 13.00 -15.58
CA LYS A 47 8.66 13.66 -14.94
C LYS A 47 8.55 13.25 -13.48
N THR A 48 7.93 14.12 -12.70
CA THR A 48 7.63 13.83 -11.30
C THR A 48 6.31 13.06 -11.25
N LEU A 49 6.31 11.92 -10.56
CA LEU A 49 5.14 11.06 -10.49
C LEU A 49 4.27 11.35 -9.28
N GLY A 50 4.87 11.81 -8.19
CA GLY A 50 4.12 12.25 -7.03
C GLY A 50 5.03 13.05 -6.11
N ALA A 51 4.45 14.01 -5.41
CA ALA A 51 5.22 14.85 -4.52
C ALA A 51 4.38 15.26 -3.32
N GLY A 52 4.98 15.18 -2.14
CA GLY A 52 4.40 15.70 -0.94
C GLY A 52 5.07 16.98 -0.49
N ALA A 53 4.91 17.28 0.80
CA ALA A 53 5.60 18.43 1.39
C ALA A 53 7.11 18.25 1.36
N PHE A 54 7.59 17.06 1.72
CA PHE A 54 9.02 16.83 1.95
C PHE A 54 9.68 15.91 0.94
N GLY A 55 8.91 15.18 0.11
CA GLY A 55 9.49 14.17 -0.75
C GLY A 55 8.78 14.10 -2.09
N LYS A 56 9.42 13.39 -3.02
CA LYS A 56 8.80 13.18 -4.32
C LYS A 56 9.29 11.86 -4.91
N VAL A 57 8.54 11.34 -5.89
CA VAL A 57 8.96 10.18 -6.65
C VAL A 57 9.03 10.62 -8.11
N VAL A 58 10.12 10.29 -8.78
CA VAL A 58 10.41 10.77 -10.11
C VAL A 58 10.66 9.58 -11.01
N GLU A 59 10.12 9.63 -12.23
CA GLU A 59 10.46 8.63 -13.20
C GLU A 59 11.86 8.89 -13.74
N ALA A 60 12.59 7.82 -14.02
CA ALA A 60 13.94 8.00 -14.54
C ALA A 60 14.30 6.80 -15.39
N THR A 61 15.34 6.97 -16.19
CA THR A 61 16.00 5.86 -16.88
C THR A 61 17.30 5.53 -16.15
N ALA A 62 17.51 4.25 -15.86
CA ALA A 62 18.75 3.78 -15.25
C ALA A 62 19.56 3.02 -16.30
N TYR A 63 20.78 3.49 -16.56
CA TYR A 63 21.63 2.84 -17.53
C TYR A 63 22.52 1.82 -16.82
N GLY A 64 22.38 0.55 -17.19
CA GLY A 64 23.25 -0.50 -16.70
C GLY A 64 22.94 -0.99 -15.31
N LEU A 65 21.69 -0.84 -14.86
CA LEU A 65 21.30 -1.23 -13.51
C LEU A 65 21.21 -2.75 -13.36
N ILE A 66 20.59 -3.44 -14.31
CA ILE A 66 20.39 -4.88 -14.24
C ILE A 66 21.32 -5.60 -15.21
N LYS A 67 21.20 -5.32 -16.50
CA LYS A 67 22.18 -5.77 -17.47
C LYS A 67 23.07 -4.57 -17.83
N SER A 68 24.37 -4.83 -17.96
CA SER A 68 25.34 -3.77 -18.19
C SER A 68 25.09 -3.02 -19.50
N ASP A 69 24.32 -3.57 -20.43
CA ASP A 69 24.15 -3.00 -21.77
C ASP A 69 22.73 -2.48 -22.01
N ALA A 70 21.92 -2.36 -20.96
CA ALA A 70 20.51 -2.09 -21.10
C ALA A 70 20.13 -0.87 -20.28
N ALA A 71 19.19 -0.08 -20.79
CA ALA A 71 18.53 0.95 -20.02
C ALA A 71 17.19 0.43 -19.50
N MET A 72 16.72 1.02 -18.42
CA MET A 72 15.50 0.53 -17.78
C MET A 72 14.78 1.69 -17.12
N THR A 73 13.46 1.73 -17.28
CA THR A 73 12.67 2.76 -16.61
C THR A 73 12.48 2.38 -15.15
N VAL A 74 12.71 3.33 -14.25
CA VAL A 74 12.64 3.11 -12.82
C VAL A 74 11.93 4.29 -12.19
N ALA A 75 11.62 4.15 -10.91
CA ALA A 75 11.14 5.26 -10.09
C ALA A 75 12.18 5.51 -9.01
N VAL A 76 12.42 6.79 -8.73
CA VAL A 76 13.43 7.21 -7.76
C VAL A 76 12.74 8.05 -6.71
N LYS A 77 12.80 7.59 -5.45
CA LYS A 77 12.29 8.36 -4.34
C LYS A 77 13.41 9.23 -3.77
N MET A 78 13.10 10.48 -3.48
CA MET A 78 14.10 11.43 -3.02
C MET A 78 13.41 12.52 -2.21
N LEU A 79 14.19 13.24 -1.43
CA LEU A 79 13.67 14.32 -0.61
C LEU A 79 13.82 15.66 -1.31
N LYS A 80 12.90 16.56 -1.02
CA LYS A 80 13.01 17.94 -1.46
C LYS A 80 13.88 18.72 -0.49
N PRO A 81 14.45 19.85 -0.93
CA PRO A 81 15.38 20.60 -0.07
C PRO A 81 14.78 21.03 1.26
N SER A 82 13.46 21.16 1.35
CA SER A 82 12.79 21.57 2.58
C SER A 82 12.80 20.49 3.65
N ALA A 83 13.34 19.31 3.35
CA ALA A 83 13.29 18.20 4.30
C ALA A 83 14.23 18.42 5.47
N HIS A 84 13.82 17.93 6.63
CA HIS A 84 14.58 18.02 7.86
C HIS A 84 15.18 16.66 8.19
N LEU A 85 15.97 16.61 9.27
CA LEU A 85 16.71 15.41 9.62
C LEU A 85 15.80 14.19 9.76
N THR A 86 14.66 14.35 10.42
CA THR A 86 13.77 13.22 10.62
C THR A 86 13.25 12.66 9.30
N GLU A 87 13.06 13.50 8.28
CA GLU A 87 12.65 12.98 6.99
C GLU A 87 13.81 12.28 6.30
N ARG A 88 15.04 12.78 6.49
CA ARG A 88 16.21 12.12 5.90
C ARG A 88 16.43 10.75 6.51
N GLU A 89 16.24 10.63 7.83
CA GLU A 89 16.35 9.32 8.46
C GLU A 89 15.28 8.37 7.93
N ALA A 90 14.05 8.87 7.78
CA ALA A 90 12.94 8.02 7.33
C ALA A 90 13.21 7.46 5.94
N LEU A 91 13.75 8.27 5.04
CA LEU A 91 14.05 7.76 3.70
C LEU A 91 15.05 6.62 3.80
N MET A 92 16.12 6.81 4.59
CA MET A 92 17.09 5.74 4.78
C MET A 92 16.47 4.51 5.45
N SER A 93 15.53 4.72 6.36
CA SER A 93 14.87 3.58 7.01
C SER A 93 13.98 2.85 6.03
N GLU A 94 13.29 3.59 5.15
CA GLU A 94 12.51 2.92 4.12
C GLU A 94 13.43 2.10 3.20
N LEU A 95 14.61 2.64 2.87
CA LEU A 95 15.57 1.88 2.08
C LEU A 95 15.95 0.59 2.79
N LYS A 96 16.19 0.67 4.11
CA LYS A 96 16.61 -0.52 4.85
C LYS A 96 15.46 -1.53 4.99
N VAL A 97 14.22 -1.07 5.12
CA VAL A 97 13.10 -2.01 5.19
C VAL A 97 12.94 -2.72 3.87
N LEU A 98 13.03 -1.97 2.75
CA LEU A 98 12.81 -2.56 1.44
C LEU A 98 13.86 -3.64 1.14
N SER A 99 15.12 -3.42 1.52
CA SER A 99 16.11 -4.46 1.28
C SER A 99 15.94 -5.62 2.25
N TYR A 100 15.43 -5.34 3.45
CA TYR A 100 15.08 -6.43 4.37
C TYR A 100 13.94 -7.30 3.80
N LEU A 101 12.95 -6.67 3.18
CA LEU A 101 11.79 -7.43 2.70
C LEU A 101 12.20 -8.46 1.66
N GLY A 102 13.02 -8.06 0.70
CA GLY A 102 13.26 -8.89 -0.43
C GLY A 102 12.17 -8.69 -1.47
N ASN A 103 12.19 -9.58 -2.45
CA ASN A 103 11.54 -9.36 -3.72
C ASN A 103 10.23 -10.13 -3.78
N HIS A 104 9.17 -9.47 -4.26
CA HIS A 104 7.91 -10.17 -4.50
C HIS A 104 7.19 -9.50 -5.66
N MET A 105 6.52 -10.31 -6.47
CA MET A 105 5.88 -9.84 -7.69
C MET A 105 4.81 -8.79 -7.41
N ASN A 106 4.16 -8.85 -6.26
CA ASN A 106 3.05 -7.94 -6.00
C ASN A 106 3.40 -6.80 -5.06
N ILE A 107 4.69 -6.47 -4.92
CA ILE A 107 5.08 -5.24 -4.25
C ILE A 107 5.99 -4.45 -5.19
N VAL A 108 6.06 -3.14 -4.97
CA VAL A 108 7.05 -2.33 -5.68
C VAL A 108 8.41 -2.66 -5.10
N ASN A 109 9.27 -3.29 -5.89
CA ASN A 109 10.52 -3.84 -5.38
C ASN A 109 11.65 -2.82 -5.44
N LEU A 110 12.59 -2.97 -4.51
CA LEU A 110 13.82 -2.18 -4.54
C LEU A 110 14.73 -2.66 -5.65
N LEU A 111 15.26 -1.72 -6.44
CA LEU A 111 16.21 -2.05 -7.49
C LEU A 111 17.61 -1.51 -7.21
N GLY A 112 17.74 -0.48 -6.40
CA GLY A 112 19.05 0.01 -6.02
C GLY A 112 18.92 1.30 -5.25
N ALA A 113 20.08 1.91 -5.01
CA ALA A 113 20.10 3.08 -4.16
C ALA A 113 21.40 3.85 -4.39
N CYS A 114 21.33 5.16 -4.18
CA CYS A 114 22.50 6.04 -4.23
C CYS A 114 22.60 6.66 -2.85
N THR A 115 23.60 6.21 -2.06
CA THR A 115 23.76 6.68 -0.70
C THR A 115 25.08 7.42 -0.51
N ILE A 116 25.79 7.74 -1.61
CA ILE A 116 27.04 8.50 -1.59
C ILE A 116 27.04 9.49 -2.74
N GLY A 117 27.85 10.54 -2.60
CA GLY A 117 28.03 11.48 -3.69
C GLY A 117 26.88 12.42 -3.92
N GLY A 118 26.01 12.57 -2.93
CA GLY A 118 24.83 13.38 -3.05
C GLY A 118 23.78 12.90 -2.07
N PRO A 119 22.61 13.50 -2.09
CA PRO A 119 21.54 13.06 -1.19
C PRO A 119 21.03 11.67 -1.57
N THR A 120 20.38 11.03 -0.59
CA THR A 120 19.97 9.64 -0.75
C THR A 120 18.89 9.50 -1.82
N LEU A 121 19.09 8.57 -2.75
CA LEU A 121 18.09 8.20 -3.74
C LEU A 121 17.75 6.73 -3.57
N VAL A 122 16.46 6.40 -3.68
CA VAL A 122 15.97 5.03 -3.55
C VAL A 122 15.30 4.66 -4.87
N ILE A 123 15.84 3.66 -5.54
CA ILE A 123 15.43 3.28 -6.88
C ILE A 123 14.54 2.05 -6.77
N THR A 124 13.30 2.15 -7.26
CA THR A 124 12.35 1.05 -7.22
C THR A 124 11.80 0.82 -8.62
N GLU A 125 11.07 -0.29 -8.76
CA GLU A 125 10.35 -0.54 -10.00
C GLU A 125 9.40 0.61 -10.32
N TYR A 126 9.23 0.86 -11.61
CA TYR A 126 8.27 1.81 -12.12
C TYR A 126 7.03 1.06 -12.58
N CYS A 127 5.85 1.50 -12.15
CA CYS A 127 4.58 0.90 -12.56
C CYS A 127 3.92 1.76 -13.63
N CYS A 128 3.67 1.19 -14.80
CA CYS A 128 3.41 2.10 -15.92
C CYS A 128 1.98 2.59 -16.00
N TYR A 129 1.04 2.04 -15.23
CA TYR A 129 -0.35 2.47 -15.35
C TYR A 129 -0.83 3.29 -14.16
N GLY A 130 0.05 3.63 -13.23
CA GLY A 130 -0.35 4.48 -12.13
C GLY A 130 -1.14 3.73 -11.08
N ASP A 131 -1.91 4.51 -10.32
CA ASP A 131 -2.53 4.01 -9.10
C ASP A 131 -3.86 3.34 -9.42
N LEU A 132 -4.19 2.33 -8.64
CA LEU A 132 -5.40 1.58 -8.87
C LEU A 132 -6.64 2.43 -8.65
N LEU A 133 -6.59 3.38 -7.70
CA LEU A 133 -7.79 4.18 -7.44
C LEU A 133 -8.23 4.96 -8.67
N ASN A 134 -7.29 5.63 -9.35
CA ASN A 134 -7.63 6.40 -10.54
C ASN A 134 -8.04 5.51 -11.70
N PHE A 135 -7.42 4.33 -11.78
CA PHE A 135 -7.84 3.35 -12.79
C PHE A 135 -9.30 2.97 -12.60
N LEU A 136 -9.69 2.69 -11.35
CA LEU A 136 -11.08 2.32 -11.10
C LEU A 136 -12.03 3.48 -11.37
N ARG A 137 -11.65 4.71 -10.99
CA ARG A 137 -12.58 5.82 -11.16
C ARG A 137 -12.77 6.19 -12.64
N ARG A 138 -11.78 5.89 -13.50
CA ARG A 138 -11.97 6.08 -14.93
C ARG A 138 -12.96 5.06 -15.49
N LYS A 139 -12.84 3.80 -15.08
CA LYS A 139 -13.84 2.82 -15.48
C LYS A 139 -15.20 3.13 -14.88
N ARG A 140 -15.24 3.82 -13.73
CA ARG A 140 -16.52 4.21 -13.14
C ARG A 140 -17.22 5.25 -14.00
N ASP A 141 -16.49 6.25 -14.45
CA ASP A 141 -17.08 7.24 -15.31
C ASP A 141 -17.48 6.54 -16.59
N SER A 142 -16.58 5.75 -17.14
CA SER A 142 -16.85 4.99 -18.35
C SER A 142 -17.94 3.93 -18.13
N GLU A 154 -23.48 -6.33 -23.73
CA GLU A 154 -22.66 -5.69 -22.70
C GLU A 154 -22.08 -6.70 -21.70
N ASP A 155 -22.64 -7.91 -21.71
CA ASP A 155 -22.34 -8.90 -20.68
C ASP A 155 -20.88 -9.35 -20.73
N ASP A 156 -20.33 -9.53 -21.93
CA ASP A 156 -18.93 -9.97 -22.04
C ASP A 156 -17.97 -8.95 -21.44
N GLU A 157 -18.26 -7.67 -21.66
CA GLU A 157 -17.41 -6.61 -21.10
C GLU A 157 -17.48 -6.59 -19.58
N LEU A 158 -18.67 -6.78 -19.02
CA LEU A 158 -18.78 -6.77 -17.57
C LEU A 158 -18.10 -8.00 -16.96
N ALA A 159 -18.29 -9.16 -17.58
CA ALA A 159 -17.60 -10.37 -17.11
C ALA A 159 -16.08 -10.18 -17.10
N LEU A 160 -15.54 -9.54 -18.13
CA LEU A 160 -14.09 -9.34 -18.17
C LEU A 160 -13.64 -8.36 -17.09
N ASP A 161 -14.42 -7.31 -16.82
CA ASP A 161 -14.10 -6.40 -15.72
C ASP A 161 -14.11 -7.13 -14.39
N LEU A 162 -15.09 -8.03 -14.19
CA LEU A 162 -15.12 -8.77 -12.94
C LEU A 162 -13.89 -9.68 -12.82
N GLU A 163 -13.44 -10.27 -13.93
CA GLU A 163 -12.21 -11.06 -13.87
C GLU A 163 -11.02 -10.21 -13.44
N ASP A 164 -10.93 -8.99 -13.94
CA ASP A 164 -9.82 -8.12 -13.52
C ASP A 164 -9.91 -7.83 -12.02
N LEU A 165 -11.11 -7.50 -11.53
CA LEU A 165 -11.23 -7.12 -10.13
C LEU A 165 -10.92 -8.30 -9.21
N LEU A 166 -11.34 -9.49 -9.61
CA LEU A 166 -10.96 -10.69 -8.87
C LEU A 166 -9.45 -10.86 -8.85
N SER A 167 -8.81 -10.67 -10.02
CA SER A 167 -7.35 -10.75 -10.08
C SER A 167 -6.68 -9.70 -9.19
N PHE A 168 -7.20 -8.46 -9.20
CA PHE A 168 -6.57 -7.42 -8.36
C PHE A 168 -6.66 -7.78 -6.88
N SER A 169 -7.81 -8.32 -6.45
CA SER A 169 -7.95 -8.66 -5.04
C SER A 169 -7.05 -9.84 -4.67
N TYR A 170 -6.85 -10.76 -5.60
CA TYR A 170 -5.97 -11.90 -5.38
C TYR A 170 -4.53 -11.43 -5.24
N GLN A 171 -4.11 -10.54 -6.14
CA GLN A 171 -2.74 -10.08 -6.16
C GLN A 171 -2.40 -9.21 -4.95
N VAL A 172 -3.27 -8.26 -4.61
CA VAL A 172 -3.05 -7.51 -3.38
C VAL A 172 -3.02 -8.44 -2.16
N ALA A 173 -3.89 -9.45 -2.12
CA ALA A 173 -3.85 -10.37 -0.98
C ALA A 173 -2.54 -11.15 -0.92
N LYS A 174 -1.98 -11.54 -2.08
CA LYS A 174 -0.69 -12.22 -2.06
C LYS A 174 0.41 -11.27 -1.63
N GLY A 175 0.37 -10.03 -2.12
CA GLY A 175 1.37 -9.05 -1.70
C GLY A 175 1.36 -8.81 -0.20
N MET A 176 0.16 -8.71 0.37
CA MET A 176 0.04 -8.55 1.82
C MET A 176 0.43 -9.82 2.56
N ALA A 177 0.11 -11.00 2.03
CA ALA A 177 0.56 -12.22 2.68
C ALA A 177 2.08 -12.27 2.70
N PHE A 178 2.73 -11.83 1.62
CA PHE A 178 4.18 -11.79 1.62
C PHE A 178 4.69 -10.83 2.69
N LEU A 179 4.06 -9.66 2.82
CA LEU A 179 4.48 -8.71 3.85
C LEU A 179 4.32 -9.30 5.24
N ALA A 180 3.16 -9.90 5.53
CA ALA A 180 2.94 -10.50 6.85
C ALA A 180 3.93 -11.63 7.11
N SER A 181 4.31 -12.38 6.06
CA SER A 181 5.28 -13.44 6.22
C SER A 181 6.66 -12.91 6.59
N LYS A 182 6.98 -11.67 6.21
CA LYS A 182 8.19 -10.99 6.64
C LYS A 182 7.98 -10.19 7.93
N ASN A 183 6.85 -10.39 8.61
CA ASN A 183 6.55 -9.74 9.88
C ASN A 183 6.44 -8.22 9.72
N CYS A 184 5.95 -7.79 8.57
CA CYS A 184 5.85 -6.38 8.21
C CYS A 184 4.38 -5.96 8.17
N ILE A 185 4.08 -4.82 8.78
CA ILE A 185 2.73 -4.25 8.82
C ILE A 185 2.70 -2.98 7.96
N HIS A 186 1.74 -2.91 7.04
CA HIS A 186 1.72 -1.83 6.05
C HIS A 186 1.23 -0.51 6.62
N ARG A 187 0.09 -0.52 7.32
CA ARG A 187 -0.54 0.57 8.05
C ARG A 187 -1.29 1.57 7.16
N ASP A 188 -1.17 1.50 5.83
CA ASP A 188 -1.90 2.45 4.98
C ASP A 188 -2.37 1.78 3.70
N LEU A 189 -2.93 0.58 3.81
CA LEU A 189 -3.41 -0.15 2.65
C LEU A 189 -4.72 0.45 2.14
N ALA A 190 -4.77 0.72 0.85
CA ALA A 190 -5.86 1.43 0.19
C ALA A 190 -5.56 1.42 -1.30
N ALA A 191 -6.59 1.61 -2.12
CA ALA A 191 -6.42 1.57 -3.57
C ALA A 191 -5.44 2.63 -4.04
N ARG A 192 -5.38 3.76 -3.35
CA ARG A 192 -4.45 4.81 -3.72
C ARG A 192 -2.98 4.41 -3.52
N ASN A 193 -2.71 3.40 -2.67
CA ASN A 193 -1.36 2.88 -2.48
C ASN A 193 -1.11 1.58 -3.23
N ILE A 194 -1.94 1.26 -4.22
CA ILE A 194 -1.71 0.10 -5.06
C ILE A 194 -1.50 0.57 -6.49
N LEU A 195 -0.45 0.07 -7.13
CA LEU A 195 -0.11 0.49 -8.48
C LEU A 195 -0.37 -0.63 -9.47
N LEU A 196 -0.64 -0.25 -10.72
CA LEU A 196 -0.92 -1.19 -11.79
C LEU A 196 0.17 -1.07 -12.84
N THR A 197 0.60 -2.20 -13.40
CA THR A 197 1.69 -2.18 -14.37
C THR A 197 1.44 -3.26 -15.42
N HIS A 198 2.46 -3.45 -16.29
CA HIS A 198 2.35 -4.32 -17.46
CA HIS A 198 2.31 -4.31 -17.46
C HIS A 198 1.78 -5.68 -17.08
N GLY A 199 0.88 -6.19 -17.92
CA GLY A 199 0.22 -7.45 -17.63
C GLY A 199 -0.88 -7.36 -16.59
N ARG A 200 -1.34 -6.16 -16.25
CA ARG A 200 -2.35 -5.97 -15.20
C ARG A 200 -1.88 -6.57 -13.87
N ILE A 201 -0.56 -6.48 -13.62
CA ILE A 201 0.01 -6.86 -12.33
C ILE A 201 -0.18 -5.69 -11.37
N THR A 202 -0.65 -5.96 -10.15
CA THR A 202 -0.79 -4.92 -9.14
C THR A 202 0.33 -5.07 -8.12
N LYS A 203 0.82 -3.93 -7.63
CA LYS A 203 1.97 -3.89 -6.75
C LYS A 203 1.66 -2.96 -5.58
N ILE A 204 1.79 -3.47 -4.37
CA ILE A 204 1.63 -2.64 -3.18
C ILE A 204 2.84 -1.75 -3.03
N CYS A 205 2.60 -0.50 -2.65
CA CYS A 205 3.70 0.42 -2.39
C CYS A 205 3.33 1.33 -1.23
N ASP A 206 4.21 2.26 -0.89
CA ASP A 206 3.79 3.39 -0.08
C ASP A 206 4.39 4.63 -0.66
N PHE A 207 3.52 5.59 -1.02
CA PHE A 207 4.04 6.88 -1.45
C PHE A 207 4.67 7.59 -0.27
N GLY A 208 4.14 7.38 0.92
CA GLY A 208 4.67 7.97 2.13
C GLY A 208 4.92 9.45 2.00
N LEU A 209 6.20 9.82 2.04
CA LEU A 209 6.60 11.22 1.96
C LEU A 209 6.35 11.85 0.59
N ALA A 210 6.00 11.04 -0.42
CA ALA A 210 5.71 11.52 -1.76
C ALA A 210 4.21 11.70 -2.01
N ARG A 211 3.39 11.73 -0.96
CA ARG A 211 1.99 12.09 -1.07
C ARG A 211 1.72 13.34 -0.24
N ASP A 212 0.96 14.28 -0.81
CA ASP A 212 0.62 15.52 -0.13
C ASP A 212 -0.69 15.32 0.66
N ILE A 213 -0.55 14.74 1.86
CA ILE A 213 -1.72 14.33 2.63
C ILE A 213 -2.50 15.50 3.19
N LYS A 214 -1.90 16.69 3.21
CA LYS A 214 -2.63 17.88 3.64
C LYS A 214 -3.74 18.24 2.66
N ASN A 215 -3.65 17.80 1.40
CA ASN A 215 -4.67 18.10 0.40
C ASN A 215 -5.47 16.88 0.02
N ASP A 216 -5.46 15.84 0.85
CA ASP A 216 -6.22 14.62 0.60
C ASP A 216 -7.23 14.45 1.72
N SER A 217 -8.52 14.61 1.38
CA SER A 217 -9.60 14.51 2.36
C SER A 217 -9.67 13.14 3.02
N ASN A 218 -9.11 12.12 2.39
CA ASN A 218 -9.14 10.79 2.99
C ASN A 218 -8.28 10.69 4.23
N TYR A 219 -7.34 11.61 4.40
CA TYR A 219 -6.50 11.71 5.60
C TYR A 219 -7.10 12.79 6.50
N VAL A 220 -7.43 12.41 7.74
CA VAL A 220 -8.26 13.24 8.61
C VAL A 220 -7.46 13.55 9.87
N VAL A 221 -7.66 14.75 10.39
CA VAL A 221 -7.03 15.17 11.64
C VAL A 221 -7.60 14.34 12.79
N LYS A 222 -6.73 13.59 13.46
CA LYS A 222 -7.07 12.89 14.69
C LYS A 222 -5.86 12.99 15.61
N GLY A 223 -6.01 13.68 16.73
CA GLY A 223 -4.87 13.89 17.59
C GLY A 223 -3.81 14.72 16.90
N ASN A 224 -2.56 14.27 16.99
CA ASN A 224 -1.43 15.00 16.42
C ASN A 224 -1.05 14.51 15.02
N ALA A 225 -1.93 13.75 14.36
CA ALA A 225 -1.60 13.17 13.07
C ALA A 225 -2.76 13.38 12.09
N ARG A 226 -2.45 13.16 10.81
CA ARG A 226 -3.44 13.11 9.74
C ARG A 226 -3.53 11.65 9.31
N LEU A 227 -4.69 11.03 9.52
CA LEU A 227 -4.79 9.58 9.39
C LEU A 227 -5.91 9.18 8.44
N PRO A 228 -5.74 8.07 7.73
CA PRO A 228 -6.80 7.58 6.81
C PRO A 228 -7.88 6.80 7.55
N VAL A 229 -8.72 7.53 8.30
CA VAL A 229 -9.52 6.90 9.34
C VAL A 229 -10.54 5.92 8.78
N LYS A 230 -11.13 6.22 7.62
CA LYS A 230 -12.12 5.34 7.02
C LYS A 230 -11.54 4.00 6.60
N TRP A 231 -10.21 3.88 6.58
CA TRP A 231 -9.50 2.65 6.27
C TRP A 231 -8.95 1.95 7.51
N MET A 232 -9.04 2.55 8.68
CA MET A 232 -8.41 2.04 9.88
C MET A 232 -9.37 1.15 10.69
N ALA A 233 -8.78 0.14 11.34
CA ALA A 233 -9.51 -0.71 12.26
C ALA A 233 -9.83 0.03 13.56
N PRO A 234 -10.93 -0.35 14.23
CA PRO A 234 -11.31 0.36 15.46
C PRO A 234 -10.21 0.34 16.53
N GLU A 235 -9.59 -0.82 16.75
CA GLU A 235 -8.51 -0.89 17.72
C GLU A 235 -7.38 0.06 17.37
N SER A 236 -7.25 0.46 16.10
CA SER A 236 -6.23 1.44 15.72
C SER A 236 -6.69 2.86 15.97
N ILE A 237 -8.00 3.11 15.97
CA ILE A 237 -8.49 4.47 16.13
C ILE A 237 -8.55 4.87 17.59
N PHE A 238 -8.93 3.95 18.47
CA PHE A 238 -9.11 4.24 19.88
C PHE A 238 -7.93 3.79 20.73
N ASN A 239 -7.02 2.99 20.17
CA ASN A 239 -5.83 2.57 20.88
C ASN A 239 -4.54 2.83 20.11
N CYS A 240 -4.62 3.41 18.91
CA CYS A 240 -3.45 3.79 18.12
C CYS A 240 -2.48 2.61 17.97
N VAL A 241 -3.00 1.39 17.99
CA VAL A 241 -2.20 0.19 17.79
C VAL A 241 -2.38 -0.28 16.36
N TYR A 242 -1.30 -0.77 15.75
CA TYR A 242 -1.32 -1.30 14.39
C TYR A 242 -0.81 -2.73 14.42
N THR A 243 -1.59 -3.64 13.86
CA THR A 243 -1.30 -5.06 13.95
C THR A 243 -1.43 -5.69 12.57
N PHE A 244 -1.04 -6.96 12.47
CA PHE A 244 -1.38 -7.74 11.29
C PHE A 244 -2.89 -7.75 11.08
N GLU A 245 -3.67 -7.83 12.17
CA GLU A 245 -5.12 -7.90 12.02
C GLU A 245 -5.73 -6.58 11.54
N SER A 246 -5.13 -5.44 11.88
CA SER A 246 -5.65 -4.18 11.39
C SER A 246 -5.36 -3.98 9.90
N ASP A 247 -4.23 -4.51 9.41
CA ASP A 247 -4.01 -4.53 7.97
C ASP A 247 -5.09 -5.33 7.26
N VAL A 248 -5.55 -6.42 7.87
CA VAL A 248 -6.62 -7.21 7.25
C VAL A 248 -7.90 -6.38 7.17
N TRP A 249 -8.21 -5.63 8.23
CA TRP A 249 -9.35 -4.70 8.20
C TRP A 249 -9.25 -3.76 7.01
N SER A 250 -8.08 -3.11 6.83
CA SER A 250 -7.89 -2.19 5.71
C SER A 250 -8.09 -2.90 4.38
N TYR A 251 -7.63 -4.14 4.28
CA TYR A 251 -7.86 -4.89 3.05
C TYR A 251 -9.35 -5.03 2.77
N GLY A 252 -10.16 -5.23 3.83
CA GLY A 252 -11.60 -5.30 3.63
C GLY A 252 -12.17 -4.01 3.06
N ILE A 253 -11.67 -2.89 3.52
CA ILE A 253 -12.09 -1.60 3.01
C ILE A 253 -11.65 -1.49 1.57
N PHE A 254 -10.46 -2.00 1.30
CA PHE A 254 -9.95 -1.96 -0.04
C PHE A 254 -10.86 -2.76 -0.95
N LEU A 255 -11.33 -3.91 -0.51
CA LEU A 255 -12.21 -4.69 -1.35
C LEU A 255 -13.47 -3.91 -1.68
N TRP A 256 -13.97 -3.17 -0.72
CA TRP A 256 -15.18 -2.40 -0.95
C TRP A 256 -14.96 -1.33 -2.01
N GLU A 257 -13.84 -0.57 -1.93
CA GLU A 257 -13.61 0.40 -3.01
C GLU A 257 -13.37 -0.32 -4.33
N LEU A 258 -12.70 -1.47 -4.30
CA LEU A 258 -12.43 -2.20 -5.53
C LEU A 258 -13.74 -2.56 -6.26
N PHE A 259 -14.69 -3.19 -5.58
CA PHE A 259 -15.92 -3.58 -6.27
C PHE A 259 -16.91 -2.44 -6.40
N SER A 260 -16.64 -1.28 -5.79
CA SER A 260 -17.42 -0.06 -6.00
C SER A 260 -16.80 0.84 -7.06
N LEU A 261 -15.75 0.39 -7.74
CA LEU A 261 -15.08 1.19 -8.75
C LEU A 261 -14.56 2.51 -8.15
N GLY A 262 -13.83 2.39 -7.05
CA GLY A 262 -13.13 3.51 -6.48
C GLY A 262 -13.96 4.55 -5.76
N SER A 263 -15.21 4.24 -5.41
CA SER A 263 -15.95 5.18 -4.59
C SER A 263 -15.32 5.26 -3.21
N SER A 264 -15.49 6.39 -2.57
CA SER A 264 -14.94 6.57 -1.24
C SER A 264 -15.78 5.81 -0.21
N PRO A 265 -15.14 5.15 0.75
CA PRO A 265 -15.90 4.35 1.72
C PRO A 265 -16.78 5.22 2.62
N TYR A 266 -17.82 4.57 3.16
CA TYR A 266 -18.88 5.19 3.96
C TYR A 266 -19.45 6.40 3.22
N PRO A 267 -20.11 6.18 2.09
CA PRO A 267 -20.56 7.30 1.27
C PRO A 267 -21.51 8.22 2.03
N GLY A 268 -21.43 9.49 1.72
CA GLY A 268 -22.26 10.51 2.35
C GLY A 268 -22.21 10.49 3.85
N MET A 269 -21.06 10.20 4.38
CA MET A 269 -20.92 10.19 5.84
C MET A 269 -19.54 10.73 6.19
N PRO A 270 -19.43 12.01 6.56
CA PRO A 270 -18.13 12.56 6.92
C PRO A 270 -17.66 12.02 8.26
N VAL A 271 -16.36 12.09 8.47
CA VAL A 271 -15.75 11.62 9.72
C VAL A 271 -15.98 12.65 10.83
N ASP A 272 -17.15 12.58 11.48
CA ASP A 272 -17.46 13.37 12.66
C ASP A 272 -17.07 12.60 13.91
N SER A 273 -17.43 13.15 15.08
CA SER A 273 -17.53 12.30 16.27
C SER A 273 -18.68 11.32 16.12
N LYS A 274 -19.73 11.71 15.38
CA LYS A 274 -20.81 10.79 15.07
C LYS A 274 -20.30 9.56 14.33
N PHE A 275 -19.36 9.75 13.40
CA PHE A 275 -18.80 8.61 12.69
C PHE A 275 -18.14 7.62 13.64
N TYR A 276 -17.37 8.13 14.60
CA TYR A 276 -16.66 7.28 15.53
C TYR A 276 -17.61 6.44 16.37
N LYS A 277 -18.73 7.04 16.79
CA LYS A 277 -19.74 6.28 17.52
C LYS A 277 -20.16 5.04 16.74
N MET A 278 -20.63 5.25 15.50
CA MET A 278 -21.19 4.15 14.71
C MET A 278 -20.23 2.97 14.57
N ILE A 279 -18.92 3.25 14.41
CA ILE A 279 -18.01 2.14 14.13
C ILE A 279 -17.81 1.27 15.36
N LYS A 280 -17.85 1.85 16.55
CA LYS A 280 -17.86 1.00 17.73
C LYS A 280 -19.21 0.33 17.96
N GLU A 281 -20.29 0.88 17.39
CA GLU A 281 -21.59 0.21 17.49
C GLU A 281 -21.69 -1.03 16.62
N GLY A 282 -20.62 -1.43 15.95
CA GLY A 282 -20.68 -2.56 15.04
C GLY A 282 -21.26 -2.24 13.68
N PHE A 283 -21.50 -0.97 13.37
CA PHE A 283 -21.97 -0.59 12.06
C PHE A 283 -20.92 -0.90 10.99
N ARG A 284 -21.34 -1.58 9.92
CA ARG A 284 -20.47 -1.86 8.79
C ARG A 284 -21.12 -1.36 7.51
N MET A 285 -20.31 -1.20 6.46
CA MET A 285 -20.87 -0.92 5.16
C MET A 285 -21.67 -2.12 4.63
N LEU A 286 -22.71 -1.83 3.86
CA LEU A 286 -23.37 -2.87 3.07
C LEU A 286 -22.49 -3.23 1.88
N SER A 287 -22.87 -4.32 1.20
CA SER A 287 -22.08 -4.79 0.07
C SER A 287 -22.16 -3.80 -1.09
N PRO A 288 -21.08 -3.65 -1.85
CA PRO A 288 -21.21 -2.97 -3.15
C PRO A 288 -22.15 -3.75 -4.04
N GLU A 289 -22.86 -3.01 -4.90
CA GLU A 289 -23.94 -3.59 -5.69
C GLU A 289 -23.49 -4.79 -6.50
N HIS A 290 -22.27 -4.74 -7.04
CA HIS A 290 -21.79 -5.84 -7.88
C HIS A 290 -20.65 -6.61 -7.28
N ALA A 291 -20.46 -6.59 -5.97
CA ALA A 291 -19.48 -7.51 -5.41
C ALA A 291 -20.05 -8.93 -5.46
N PRO A 292 -19.27 -9.92 -5.89
CA PRO A 292 -19.71 -11.32 -5.71
C PRO A 292 -19.96 -11.61 -4.23
N ALA A 293 -20.98 -12.42 -3.96
CA ALA A 293 -21.32 -12.76 -2.58
C ALA A 293 -20.09 -13.19 -1.78
N GLU A 294 -19.30 -14.09 -2.36
CA GLU A 294 -18.13 -14.60 -1.64
C GLU A 294 -17.06 -13.54 -1.43
N MET A 295 -17.06 -12.44 -2.21
CA MET A 295 -16.12 -11.37 -1.88
C MET A 295 -16.69 -10.46 -0.80
N TYR A 296 -18.00 -10.24 -0.84
CA TYR A 296 -18.66 -9.60 0.28
C TYR A 296 -18.43 -10.37 1.56
N ASP A 297 -18.57 -11.71 1.52
CA ASP A 297 -18.34 -12.50 2.72
C ASP A 297 -16.93 -12.26 3.29
N ILE A 298 -15.94 -12.08 2.42
CA ILE A 298 -14.57 -11.81 2.88
C ILE A 298 -14.49 -10.45 3.56
N MET A 299 -15.12 -9.43 2.98
CA MET A 299 -15.11 -8.10 3.61
C MET A 299 -15.65 -8.17 5.03
N LYS A 300 -16.85 -8.75 5.19
CA LYS A 300 -17.49 -8.81 6.51
C LYS A 300 -16.57 -9.45 7.54
N THR A 301 -15.85 -10.49 7.15
CA THR A 301 -14.99 -11.17 8.11
C THR A 301 -13.76 -10.34 8.43
N CYS A 302 -13.32 -9.51 7.47
CA CYS A 302 -12.25 -8.55 7.71
C CYS A 302 -12.69 -7.48 8.70
N TRP A 303 -13.98 -7.17 8.74
CA TRP A 303 -14.52 -6.13 9.62
C TRP A 303 -15.10 -6.71 10.90
N ASP A 304 -14.58 -7.84 11.37
CA ASP A 304 -15.00 -8.36 12.67
C ASP A 304 -14.43 -7.47 13.78
N ALA A 305 -15.28 -7.11 14.73
CA ALA A 305 -14.84 -6.28 15.84
C ALA A 305 -13.73 -6.94 16.63
N ASP A 306 -13.74 -8.27 16.69
CA ASP A 306 -12.66 -9.05 17.28
C ASP A 306 -11.56 -9.23 16.23
N PRO A 307 -10.37 -8.68 16.45
CA PRO A 307 -9.29 -8.88 15.47
C PRO A 307 -8.95 -10.35 15.25
N LEU A 308 -8.98 -11.15 16.30
CA LEU A 308 -8.62 -12.55 16.19
C LEU A 308 -9.70 -13.39 15.52
N LYS A 309 -10.82 -12.79 15.12
CA LYS A 309 -11.81 -13.49 14.29
C LYS A 309 -11.67 -13.14 12.82
N ARG A 310 -10.83 -12.17 12.47
CA ARG A 310 -10.58 -11.86 11.08
C ARG A 310 -9.69 -12.94 10.46
N PRO A 311 -9.80 -13.14 9.15
CA PRO A 311 -8.92 -14.10 8.48
C PRO A 311 -7.53 -13.52 8.28
N THR A 312 -6.54 -14.41 8.20
CA THR A 312 -5.21 -13.98 7.79
C THR A 312 -5.14 -13.79 6.29
N PHE A 313 -4.12 -13.08 5.84
CA PHE A 313 -3.96 -12.90 4.40
C PHE A 313 -3.69 -14.23 3.71
N LYS A 314 -2.96 -15.14 4.37
CA LYS A 314 -2.77 -16.47 3.83
C LYS A 314 -4.11 -17.15 3.57
N GLN A 315 -5.07 -17.01 4.49
CA GLN A 315 -6.37 -17.60 4.29
C GLN A 315 -7.17 -16.86 3.21
N ILE A 316 -7.01 -15.54 3.13
CA ILE A 316 -7.72 -14.79 2.09
C ILE A 316 -7.23 -15.21 0.72
N VAL A 317 -5.92 -15.48 0.60
CA VAL A 317 -5.36 -15.94 -0.67
C VAL A 317 -6.03 -17.23 -1.12
N GLN A 318 -6.16 -18.20 -0.19
CA GLN A 318 -6.79 -19.47 -0.50
C GLN A 318 -8.25 -19.29 -0.91
N LEU A 319 -9.00 -18.47 -0.17
CA LEU A 319 -10.39 -18.20 -0.50
C LEU A 319 -10.55 -17.60 -1.89
N ILE A 320 -9.69 -16.64 -2.27
CA ILE A 320 -9.86 -15.99 -3.56
C ILE A 320 -9.38 -16.91 -4.68
N GLU A 321 -8.32 -17.67 -4.42
CA GLU A 321 -7.87 -18.68 -5.38
C GLU A 321 -9.03 -19.59 -5.79
N LYS A 322 -9.89 -19.96 -4.83
CA LYS A 322 -10.97 -20.89 -5.11
C LYS A 322 -12.02 -20.25 -6.01
N GLN A 323 -12.33 -18.96 -5.80
CA GLN A 323 -13.29 -18.29 -6.66
C GLN A 323 -12.77 -18.15 -8.09
N ILE A 324 -11.49 -17.82 -8.23
CA ILE A 324 -10.91 -17.67 -9.55
C ILE A 324 -10.91 -19.01 -10.28
N SER A 325 -10.53 -20.08 -9.58
CA SER A 325 -10.51 -21.41 -10.20
C SER A 325 -11.88 -21.83 -10.69
N GLU A 326 -12.94 -21.47 -9.95
CA GLU A 326 -14.30 -21.63 -10.46
C GLU A 326 -14.54 -20.59 -11.56
N SER A 327 -14.21 -20.96 -12.80
CA SER A 327 -14.40 -20.08 -13.94
C SER A 327 -14.73 -20.91 -15.18
C10 DJX B . 1.82 6.99 -15.38
N12 DJX B . 0.36 8.25 -16.73
C13 DJX B . -0.24 8.69 -15.63
C15 DJX B . -0.10 8.69 -18.04
C17 DJX B . 4.95 4.61 -10.25
C20 DJX B . 6.42 3.54 -8.87
C22 DJX B . 6.38 4.46 -6.46
C24 DJX B . 7.95 3.85 -4.77
C26 DJX B . 6.03 5.00 -4.17
C1 DJX B . 3.24 5.84 -11.67
C2 DJX B . 2.72 6.08 -12.93
C3 DJX B . 1.71 7.02 -13.01
C5 DJX B . 1.89 7.42 -10.75
C7 DJX B . 1.44 8.16 -9.50
C11 DJX B . 1.39 7.42 -16.63
C14 DJX B . 0.18 8.26 -14.38
C16 DJX B . 1.04 9.24 -18.88
C19 DJX B . 5.91 4.43 -7.92
C23 DJX B . 7.57 3.85 -6.10
C27 DJX B . 5.58 5.05 -5.48
N4 DJX B . 1.34 7.70 -11.93
N6 DJX B . 2.82 6.51 -10.61
N8 DJX B . 4.28 4.83 -11.52
N9 DJX B . 1.18 7.40 -14.30
N21 DJX B . 5.88 3.66 -10.11
N25 DJX B . 7.18 4.42 -3.86
S18 DJX B . 4.78 5.39 -8.74
#